data_6DOY
#
_entry.id   6DOY
#
_cell.length_a   81.898
_cell.length_b   37.350
_cell.length_c   62.034
_cell.angle_alpha   90.00
_cell.angle_beta   96.81
_cell.angle_gamma   90.00
#
_symmetry.space_group_name_H-M   'C 1 2 1'
#
loop_
_entity.id
_entity.type
_entity.pdbx_description
1 polymer 'Ribonuclease H'
2 polymer "RNA (5'-R(*AP*CP*AP*UP*CP*G)-3')"
3 polymer "DNA (5'-D(*CP*GP*AP*TP*GP*T)-3')"
4 non-polymer 'IODIDE ION'
5 non-polymer GLYCEROL
6 non-polymer 1,2-ETHANEDIOL
7 non-polymer 'LITHIUM ION'
8 water water
#
loop_
_entity_poly.entity_id
_entity_poly.type
_entity_poly.pdbx_seq_one_letter_code
_entity_poly.pdbx_strand_id
1 'polypeptide(L)'
;GSHMAKEEIIWESLSVDVGSQGNPGIVEYKGVDTKTGEVLFEREPIPIGTNNMGEFLAIVHGLRYLKERNSRKPIYSDSQ
TAIKWVKDKKAKSTLVRNEETALIWKLVDEAEEWLNTHTYETPILKWQTDKWGEIKADYGRK
;
A
2 'polyribonucleotide' ACAUCG B
3 'polydeoxyribonucleotide' (DC)(DG)(DA)(DT)(DG)(DT) C
#
# COMPACT_ATOMS: atom_id res chain seq x y z
N GLU A 7 -19.48 7.98 0.32
CA GLU A 7 -20.43 8.72 -0.51
C GLU A 7 -19.74 9.41 -1.69
N GLU A 8 -18.84 10.35 -1.38
CA GLU A 8 -18.16 11.14 -2.40
C GLU A 8 -16.67 10.83 -2.40
N ILE A 9 -16.10 10.67 -3.59
CA ILE A 9 -14.65 10.53 -3.73
C ILE A 9 -13.98 11.81 -3.27
N ILE A 10 -12.94 11.66 -2.47
CA ILE A 10 -12.08 12.78 -2.11
C ILE A 10 -10.97 12.82 -3.16
N TRP A 11 -11.12 13.71 -4.14
CA TRP A 11 -10.22 13.73 -5.28
C TRP A 11 -8.83 14.18 -4.89
N GLU A 12 -8.73 15.02 -3.87
CA GLU A 12 -7.45 15.51 -3.35
C GLU A 12 -6.88 14.43 -2.42
N SER A 13 -6.25 13.41 -3.02
CA SER A 13 -5.82 12.24 -2.27
C SER A 13 -4.77 11.48 -3.06
N LEU A 14 -4.14 10.51 -2.39
CA LEU A 14 -3.18 9.58 -2.98
C LEU A 14 -3.84 8.21 -3.02
N SER A 15 -3.82 7.55 -4.18
CA SER A 15 -4.36 6.20 -4.29
C SER A 15 -3.22 5.22 -4.51
N VAL A 16 -3.23 4.11 -3.77
CA VAL A 16 -2.18 3.12 -3.89
C VAL A 16 -2.81 1.78 -4.25
N ASP A 17 -2.00 0.89 -4.84
CA ASP A 17 -2.46 -0.47 -5.13
C ASP A 17 -1.27 -1.39 -5.40
N VAL A 18 -1.47 -2.69 -5.12
CA VAL A 18 -0.52 -3.75 -5.41
C VAL A 18 -0.80 -4.32 -6.79
N GLY A 19 0.24 -4.92 -7.38
CA GLY A 19 0.07 -5.76 -8.54
C GLY A 19 0.97 -6.97 -8.38
N SER A 20 0.57 -8.07 -9.00
CA SER A 20 1.41 -9.26 -8.84
C SER A 20 1.35 -10.13 -10.08
N GLN A 21 2.35 -11.01 -10.16
CA GLN A 21 2.37 -12.11 -11.11
CA GLN A 21 2.35 -12.12 -11.11
C GLN A 21 2.42 -13.37 -10.25
N GLY A 22 1.26 -13.97 -10.02
CA GLY A 22 1.11 -15.01 -9.03
C GLY A 22 0.84 -14.43 -7.65
N ASN A 23 0.19 -15.23 -6.82
CA ASN A 23 -0.03 -14.88 -5.42
C ASN A 23 -0.04 -16.15 -4.56
N PRO A 24 1.06 -16.46 -3.88
CA PRO A 24 2.31 -15.69 -3.82
C PRO A 24 3.00 -15.65 -5.18
N GLY A 25 3.68 -14.55 -5.46
CA GLY A 25 4.43 -14.42 -6.69
C GLY A 25 5.18 -13.09 -6.71
N ILE A 26 5.47 -12.58 -7.91
CA ILE A 26 6.19 -11.32 -8.02
C ILE A 26 5.25 -10.18 -7.63
N VAL A 27 5.68 -9.33 -6.70
CA VAL A 27 4.85 -8.25 -6.15
C VAL A 27 5.46 -6.88 -6.48
N GLU A 28 4.60 -5.95 -6.85
CA GLU A 28 4.99 -4.55 -7.00
C GLU A 28 3.85 -3.68 -6.50
N TYR A 29 4.08 -2.38 -6.41
CA TYR A 29 3.00 -1.48 -6.00
C TYR A 29 3.31 -0.09 -6.51
N LYS A 30 2.28 0.75 -6.53
CA LYS A 30 2.45 2.11 -7.00
C LYS A 30 1.45 3.03 -6.34
N GLY A 31 1.77 4.32 -6.37
CA GLY A 31 0.90 5.35 -5.85
C GLY A 31 0.69 6.41 -6.90
N VAL A 32 -0.55 6.87 -7.01
CA VAL A 32 -0.95 7.81 -8.05
C VAL A 32 -1.80 8.91 -7.44
N ASP A 33 -1.76 10.06 -8.10
CA ASP A 33 -2.66 11.16 -7.78
C ASP A 33 -4.06 10.74 -8.20
N THR A 34 -5.00 10.69 -7.24
CA THR A 34 -6.34 10.24 -7.53
C THR A 34 -6.99 11.08 -8.62
N LYS A 35 -6.70 12.38 -8.65
CA LYS A 35 -7.37 13.29 -9.57
C LYS A 35 -6.87 13.11 -11.00
N THR A 36 -5.56 12.99 -11.17
CA THR A 36 -4.95 12.99 -12.49
C THR A 36 -4.44 11.64 -12.95
N GLY A 37 -4.21 10.70 -12.04
CA GLY A 37 -3.59 9.45 -12.39
C GLY A 37 -2.08 9.51 -12.52
N GLU A 38 -1.48 10.68 -12.30
CA GLU A 38 -0.03 10.78 -12.36
C GLU A 38 0.60 9.79 -11.39
N VAL A 39 1.59 9.05 -11.88
CA VAL A 39 2.26 8.08 -11.03
C VAL A 39 3.28 8.82 -10.19
N LEU A 40 3.17 8.70 -8.87
CA LEU A 40 4.04 9.42 -7.94
C LEU A 40 5.14 8.54 -7.36
N PHE A 41 4.92 7.24 -7.22
CA PHE A 41 5.97 6.31 -6.85
C PHE A 41 5.61 4.93 -7.34
N GLU A 42 6.65 4.09 -7.50
CA GLU A 42 6.51 2.72 -7.96
CA GLU A 42 6.49 2.71 -7.94
C GLU A 42 7.63 1.92 -7.34
N ARG A 43 7.30 0.80 -6.73
CA ARG A 43 8.29 -0.08 -6.11
C ARG A 43 8.81 -1.10 -7.11
N GLU A 44 10.12 -1.25 -7.15
CA GLU A 44 10.76 -2.27 -7.97
C GLU A 44 10.17 -3.64 -7.64
N PRO A 45 9.88 -4.48 -8.64
CA PRO A 45 9.30 -5.80 -8.36
C PRO A 45 10.11 -6.61 -7.37
N ILE A 46 9.38 -7.22 -6.44
CA ILE A 46 9.93 -8.08 -5.40
C ILE A 46 9.66 -9.53 -5.81
N PRO A 47 10.68 -10.39 -5.87
CA PRO A 47 10.48 -11.71 -6.50
C PRO A 47 9.37 -12.56 -5.92
N ILE A 48 9.21 -12.64 -4.61
CA ILE A 48 8.13 -13.42 -4.00
C ILE A 48 7.50 -12.65 -2.86
N GLY A 49 6.18 -12.49 -2.90
CA GLY A 49 5.42 -11.91 -1.81
C GLY A 49 3.96 -12.23 -2.03
N THR A 50 3.10 -11.73 -1.14
CA THR A 50 1.66 -11.87 -1.30
C THR A 50 1.01 -10.55 -1.67
N ASN A 51 -0.20 -10.67 -2.17
CA ASN A 51 -0.99 -9.49 -2.48
C ASN A 51 -1.12 -8.57 -1.27
N ASN A 52 -1.38 -9.15 -0.09
CA ASN A 52 -1.65 -8.32 1.07
C ASN A 52 -0.38 -7.70 1.63
N MET A 53 0.74 -8.40 1.53
CA MET A 53 2.00 -7.77 1.92
CA MET A 53 2.02 -7.79 1.90
C MET A 53 2.30 -6.57 1.03
N GLY A 54 2.09 -6.70 -0.28
CA GLY A 54 2.31 -5.58 -1.18
C GLY A 54 1.36 -4.43 -0.90
N GLU A 55 0.10 -4.74 -0.61
CA GLU A 55 -0.89 -3.71 -0.30
C GLU A 55 -0.51 -2.97 0.97
N PHE A 56 0.01 -3.69 1.97
CA PHE A 56 0.49 -3.09 3.22
C PHE A 56 1.68 -2.17 2.95
N LEU A 57 2.68 -2.66 2.23
CA LEU A 57 3.84 -1.83 1.90
C LEU A 57 3.42 -0.57 1.14
N ALA A 58 2.43 -0.69 0.25
CA ALA A 58 2.02 0.46 -0.54
C ALA A 58 1.44 1.55 0.33
N ILE A 59 0.61 1.18 1.31
CA ILE A 59 0.04 2.17 2.21
C ILE A 59 1.14 2.81 3.03
N VAL A 60 2.04 2.00 3.58
CA VAL A 60 3.07 2.56 4.45
C VAL A 60 3.97 3.48 3.64
N HIS A 61 4.33 3.07 2.44
CA HIS A 61 5.13 3.95 1.59
C HIS A 61 4.39 5.26 1.32
N GLY A 62 3.07 5.20 1.07
CA GLY A 62 2.29 6.41 0.94
C GLY A 62 2.35 7.30 2.15
N LEU A 63 2.25 6.73 3.35
CA LEU A 63 2.37 7.52 4.57
C LEU A 63 3.71 8.22 4.61
N ARG A 64 4.77 7.50 4.29
CA ARG A 64 6.11 8.09 4.37
C ARG A 64 6.28 9.18 3.30
N TYR A 65 5.75 8.92 2.11
CA TYR A 65 5.79 9.88 1.01
C TYR A 65 5.08 11.18 1.37
N LEU A 66 3.90 11.07 1.94
CA LEU A 66 3.12 12.26 2.28
C LEU A 66 3.75 13.02 3.44
N LYS A 67 4.26 12.30 4.43
CA LYS A 67 4.87 12.94 5.59
C LYS A 67 6.10 13.73 5.18
N GLU A 68 6.92 13.15 4.30
CA GLU A 68 8.13 13.82 3.86
C GLU A 68 7.81 15.12 3.12
N ARG A 69 6.67 15.15 2.44
CA ARG A 69 6.21 16.32 1.68
C ARG A 69 5.28 17.24 2.47
N ASN A 70 5.11 17.00 3.76
CA ASN A 70 4.21 17.82 4.58
C ASN A 70 2.83 17.93 3.94
N SER A 71 2.30 16.80 3.49
CA SER A 71 0.99 16.75 2.85
C SER A 71 -0.01 16.06 3.77
N ARG A 72 -1.17 16.69 3.96
CA ARG A 72 -2.24 16.16 4.79
C ARG A 72 -3.28 15.39 3.98
N LYS A 73 -3.00 15.08 2.71
CA LYS A 73 -3.95 14.35 1.86
C LYS A 73 -4.20 12.95 2.45
N PRO A 74 -5.42 12.43 2.28
CA PRO A 74 -5.67 11.03 2.64
C PRO A 74 -5.14 10.08 1.60
N ILE A 75 -5.09 8.80 2.01
CA ILE A 75 -4.69 7.68 1.17
C ILE A 75 -5.92 6.80 0.95
N TYR A 76 -6.16 6.43 -0.31
CA TYR A 76 -7.16 5.41 -0.65
C TYR A 76 -6.45 4.08 -0.88
N SER A 77 -7.02 3.03 -0.32
CA SER A 77 -6.63 1.65 -0.59
C SER A 77 -7.90 0.85 -0.81
N ASP A 78 -7.86 -0.17 -1.68
CA ASP A 78 -9.00 -1.06 -1.86
C ASP A 78 -8.94 -2.30 -0.98
N SER A 79 -7.97 -2.38 -0.07
CA SER A 79 -7.66 -3.60 0.68
C SER A 79 -8.13 -3.52 2.12
N GLN A 80 -9.26 -4.16 2.41
CA GLN A 80 -9.73 -4.28 3.78
C GLN A 80 -8.64 -4.84 4.68
N THR A 81 -7.90 -5.82 4.19
CA THR A 81 -6.84 -6.44 4.99
C THR A 81 -5.75 -5.43 5.32
N ALA A 82 -5.19 -4.78 4.31
CA ALA A 82 -4.03 -3.93 4.55
C ALA A 82 -4.39 -2.71 5.39
N ILE A 83 -5.59 -2.16 5.19
CA ILE A 83 -6.01 -1.02 6.00
C ILE A 83 -6.00 -1.41 7.47
N LYS A 84 -6.49 -2.61 7.79
CA LYS A 84 -6.47 -3.09 9.17
C LYS A 84 -5.05 -3.31 9.67
N TRP A 85 -4.19 -3.91 8.85
CA TRP A 85 -2.82 -4.18 9.28
C TRP A 85 -2.11 -2.87 9.61
N VAL A 86 -2.31 -1.84 8.80
CA VAL A 86 -1.70 -0.55 9.10
C VAL A 86 -2.26 0.02 10.40
N LYS A 87 -3.59 -0.03 10.58
CA LYS A 87 -4.18 0.46 11.81
C LYS A 87 -3.57 -0.23 13.04
N ASP A 88 -3.34 -1.55 12.94
CA ASP A 88 -2.79 -2.36 14.01
C ASP A 88 -1.28 -2.25 14.12
N LYS A 89 -0.64 -1.64 13.12
CA LYS A 89 0.82 -1.63 13.00
C LYS A 89 1.40 -3.05 13.02
N LYS A 90 0.67 -3.98 12.39
CA LYS A 90 1.08 -5.39 12.42
C LYS A 90 0.50 -6.10 11.19
N ALA A 91 1.39 -6.52 10.28
CA ALA A 91 1.02 -7.27 9.08
C ALA A 91 0.94 -8.76 9.39
N LYS A 92 -0.27 -9.26 9.57
CA LYS A 92 -0.51 -10.63 10.00
C LYS A 92 -0.56 -11.58 8.81
N SER A 93 0.55 -11.63 8.07
CA SER A 93 0.66 -12.48 6.90
C SER A 93 0.92 -13.93 7.26
N THR A 94 0.34 -14.84 6.48
CA THR A 94 0.59 -16.28 6.58
C THR A 94 1.80 -16.74 5.77
N LEU A 95 2.44 -15.87 5.01
CA LEU A 95 3.53 -16.30 4.15
C LEU A 95 4.66 -16.89 4.98
N VAL A 96 5.12 -18.08 4.59
CA VAL A 96 6.27 -18.71 5.24
C VAL A 96 7.44 -17.74 5.22
N ARG A 97 8.21 -17.75 6.31
CA ARG A 97 9.47 -17.00 6.40
C ARG A 97 10.55 -18.00 6.04
N ASN A 98 11.10 -17.87 4.85
CA ASN A 98 12.23 -18.71 4.44
C ASN A 98 13.19 -17.87 3.61
N GLU A 99 14.20 -18.52 3.04
CA GLU A 99 15.22 -17.79 2.31
C GLU A 99 14.64 -17.06 1.10
N GLU A 100 13.70 -17.67 0.38
CA GLU A 100 13.19 -17.01 -0.81
C GLU A 100 12.18 -15.91 -0.50
N THR A 101 11.61 -15.88 0.70
CA THR A 101 10.70 -14.81 1.08
C THR A 101 11.38 -13.76 1.98
N ALA A 102 12.69 -13.88 2.15
CA ALA A 102 13.39 -13.03 3.11
C ALA A 102 13.23 -11.56 2.76
N LEU A 103 13.30 -11.23 1.47
CA LEU A 103 13.24 -9.83 1.06
C LEU A 103 11.90 -9.20 1.40
N ILE A 104 10.79 -9.82 0.98
CA ILE A 104 9.49 -9.21 1.29
C ILE A 104 9.30 -9.09 2.79
N TRP A 105 9.74 -10.09 3.54
CA TRP A 105 9.55 -10.04 4.97
C TRP A 105 10.44 -8.98 5.61
N LYS A 106 11.61 -8.73 5.02
CA LYS A 106 12.45 -7.64 5.51
C LYS A 106 11.76 -6.30 5.31
N LEU A 107 11.17 -6.10 4.13
CA LEU A 107 10.47 -4.85 3.86
C LEU A 107 9.25 -4.70 4.76
N VAL A 108 8.50 -5.79 4.97
CA VAL A 108 7.35 -5.73 5.86
C VAL A 108 7.79 -5.41 7.28
N ASP A 109 8.82 -6.11 7.77
CA ASP A 109 9.32 -5.82 9.11
C ASP A 109 9.78 -4.37 9.23
N GLU A 110 10.46 -3.87 8.19
CA GLU A 110 10.91 -2.47 8.22
C GLU A 110 9.74 -1.50 8.18
N ALA A 111 8.67 -1.83 7.47
CA ALA A 111 7.50 -0.97 7.41
C ALA A 111 6.81 -0.91 8.76
N GLU A 112 6.65 -2.07 9.41
CA GLU A 112 6.12 -2.10 10.77
C GLU A 112 6.99 -1.26 11.70
N GLU A 113 8.31 -1.43 11.60
CA GLU A 113 9.24 -0.65 12.43
C GLU A 113 9.06 0.85 12.22
N TRP A 114 8.86 1.28 10.97
CA TRP A 114 8.61 2.70 10.71
C TRP A 114 7.33 3.15 11.40
N LEU A 115 6.25 2.37 11.26
CA LEU A 115 4.99 2.74 11.88
C LEU A 115 5.14 2.89 13.38
N ASN A 116 5.99 2.06 14.00
CA ASN A 116 6.18 2.05 15.44
C ASN A 116 7.12 3.13 15.95
N THR A 117 7.73 3.92 15.05
CA THR A 117 8.67 4.96 15.45
C THR A 117 8.31 6.34 14.88
N HIS A 118 7.14 6.47 14.25
CA HIS A 118 6.73 7.73 13.64
C HIS A 118 5.24 7.97 13.87
N THR A 119 4.85 9.23 13.75
CA THR A 119 3.45 9.63 13.87
C THR A 119 2.93 10.16 12.54
N TYR A 120 1.61 10.11 12.40
CA TYR A 120 0.95 10.63 11.22
CA TYR A 120 0.94 10.61 11.22
C TYR A 120 -0.53 10.81 11.55
N GLU A 121 -1.17 11.73 10.84
CA GLU A 121 -2.61 11.94 10.93
CA GLU A 121 -2.61 11.94 10.93
C GLU A 121 -3.34 11.55 9.66
N THR A 122 -2.62 11.08 8.63
CA THR A 122 -3.18 10.74 7.34
C THR A 122 -4.39 9.83 7.49
N PRO A 123 -5.58 10.22 7.03
CA PRO A 123 -6.70 9.28 6.98
C PRO A 123 -6.43 8.21 5.93
N ILE A 124 -6.66 6.95 6.29
CA ILE A 124 -6.53 5.84 5.35
C ILE A 124 -7.94 5.34 5.06
N LEU A 125 -8.39 5.60 3.84
CA LEU A 125 -9.79 5.45 3.44
C LEU A 125 -9.96 4.27 2.51
N LYS A 126 -11.13 3.62 2.59
CA LYS A 126 -11.46 2.49 1.73
C LYS A 126 -11.99 3.01 0.39
N TRP A 127 -11.32 2.65 -0.70
CA TRP A 127 -11.81 2.95 -2.04
C TRP A 127 -12.99 2.03 -2.35
N GLN A 128 -14.15 2.61 -2.69
CA GLN A 128 -15.36 1.80 -2.82
C GLN A 128 -15.50 1.31 -4.26
N THR A 129 -14.78 0.22 -4.54
CA THR A 129 -14.71 -0.31 -5.89
C THR A 129 -16.08 -0.61 -6.45
N ASP A 130 -17.00 -1.14 -5.63
CA ASP A 130 -18.32 -1.50 -6.13
C ASP A 130 -19.06 -0.29 -6.68
N LYS A 131 -18.83 0.89 -6.12
CA LYS A 131 -19.53 2.09 -6.55
C LYS A 131 -18.75 2.94 -7.54
N TRP A 132 -17.42 2.92 -7.46
CA TRP A 132 -16.56 3.88 -8.16
C TRP A 132 -15.69 3.24 -9.24
N GLY A 133 -15.75 1.93 -9.42
CA GLY A 133 -14.83 1.28 -10.33
C GLY A 133 -13.47 1.04 -9.70
N GLU A 134 -12.54 0.59 -10.54
CA GLU A 134 -11.21 0.21 -10.06
C GLU A 134 -10.47 1.42 -9.49
N ILE A 135 -9.73 1.20 -8.40
CA ILE A 135 -8.88 2.24 -7.84
C ILE A 135 -7.91 2.73 -8.92
N LYS A 136 -7.57 4.01 -8.87
CA LYS A 136 -6.81 4.61 -9.97
C LYS A 136 -5.40 4.05 -10.10
N ALA A 137 -4.86 3.46 -9.03
CA ALA A 137 -3.55 2.81 -9.03
C ALA A 137 -3.59 1.35 -9.46
N ASP A 138 -4.75 0.84 -9.87
CA ASP A 138 -4.88 -0.56 -10.22
C ASP A 138 -3.98 -0.93 -11.40
N TYR A 139 -3.51 -2.19 -11.43
CA TYR A 139 -2.61 -2.63 -12.49
C TYR A 139 -3.36 -3.15 -13.71
N GLY A 140 -4.68 -3.09 -13.72
CA GLY A 140 -5.47 -3.50 -14.86
C GLY A 140 -5.11 -4.85 -15.44
N ARG A 141 -4.96 -5.85 -14.58
CA ARG A 141 -4.56 -7.18 -15.03
C ARG A 141 -5.70 -8.20 -14.97
#